data_4X7J
#
_entry.id   4X7J
#
_cell.length_a   81.020
_cell.length_b   81.020
_cell.length_c   127.617
_cell.angle_alpha   90.000
_cell.angle_beta   90.000
_cell.angle_gamma   90.000
#
_symmetry.space_group_name_H-M   'P 41 21 2'
#
loop_
_entity.id
_entity.type
_entity.pdbx_description
1 polymer 'Eukaryotic translation initiation factor 2-alpha kinase 3,Eukaryotic translation initiation factor 2-alpha kinase 3'
2 non-polymer 2-amino-N-[4-methoxy-3-(trifluoromethyl)phenyl]-4-methyl-3-[2-(methylamino)quinazolin-6-yl]benzamide
3 non-polymer 'L(+)-TARTARIC ACID'
4 water water
#
_entity_poly.entity_id   1
_entity_poly.type   'polypeptide(L)'
_entity_poly.pdbx_seq_one_letter_code
;GSSSWNDIKNSGYISRYLTDFEPIQCLGRGGFGVVFEAKNKVDDCNYAIKRIRLPNRELAREKVMREVKALAKLEHPGIV
RYFNAWLEAPPEKWQEKLQPSSPKVYLYIQMQLCRKENLKDWMNGRCTIEERERSVCLHIFLQIAEAVEFLHSKGLMHRN
LKPSNIFFTMDDVVKVGDFGLVTAMDQDEEEQTVLTPMPAYARHTGQVGTKLYMSPEQIHGNSYSHKVDIFSLGLILFEL
LYPFSTQMERVRTLTDVRNLKFPPLFTQKYPCEYVMVQDMLSPSPMERPEAINIIENAVFEDLDFPGKTVLRQRSRS
;
_entity_poly.pdbx_strand_id   A
#
# COMPACT_ATOMS: atom_id res chain seq x y z
N TYR A 13 35.23 -12.99 -6.36
CA TYR A 13 33.82 -12.82 -6.83
C TYR A 13 33.43 -11.35 -6.89
N ILE A 14 32.86 -10.94 -8.02
CA ILE A 14 32.41 -9.56 -8.21
C ILE A 14 30.91 -9.42 -7.99
N SER A 15 30.54 -8.59 -7.01
CA SER A 15 29.14 -8.34 -6.67
C SER A 15 28.65 -7.09 -7.36
N ARG A 16 27.58 -7.24 -8.14
CA ARG A 16 26.95 -6.14 -8.86
C ARG A 16 26.54 -5.02 -7.91
N TYR A 17 25.90 -5.39 -6.80
CA TYR A 17 25.42 -4.43 -5.82
C TYR A 17 26.54 -3.55 -5.23
N LEU A 18 27.64 -4.17 -4.82
CA LEU A 18 28.77 -3.45 -4.23
C LEU A 18 29.54 -2.64 -5.26
N THR A 19 29.58 -3.12 -6.50
CA THR A 19 30.32 -2.48 -7.58
C THR A 19 29.61 -1.20 -8.09
N ASP A 20 28.29 -1.26 -8.19
CA ASP A 20 27.52 -0.21 -8.87
C ASP A 20 26.84 0.79 -7.94
N PHE A 21 26.76 0.46 -6.65
CA PHE A 21 26.07 1.30 -5.69
C PHE A 21 26.93 1.60 -4.48
N GLU A 22 26.76 2.80 -3.91
CA GLU A 22 27.28 3.09 -2.58
C GLU A 22 26.12 3.08 -1.57
N PRO A 23 26.18 2.17 -0.58
CA PRO A 23 25.10 2.03 0.39
C PRO A 23 25.01 3.25 1.30
N ILE A 24 23.79 3.65 1.64
CA ILE A 24 23.56 4.83 2.48
C ILE A 24 23.05 4.42 3.85
N GLN A 25 21.99 3.60 3.87
CA GLN A 25 21.40 3.10 5.12
C GLN A 25 20.50 1.90 4.87
N CYS A 26 20.27 1.13 5.93
CA CYS A 26 19.24 0.11 5.93
C CYS A 26 17.90 0.80 6.19
N LEU A 27 16.93 0.54 5.32
CA LEU A 27 15.60 1.13 5.45
C LEU A 27 14.67 0.22 6.25
N GLY A 28 15.00 -1.06 6.33
CA GLY A 28 14.25 -2.03 7.12
C GLY A 28 14.32 -3.43 6.55
N ARG A 29 13.46 -4.30 7.07
CA ARG A 29 13.37 -5.70 6.62
C ARG A 29 11.98 -6.30 6.86
N GLY A 30 11.75 -7.48 6.29
CA GLY A 30 10.48 -8.18 6.40
C GLY A 30 10.43 -9.38 5.46
N GLY A 31 9.96 -10.52 5.98
CA GLY A 31 9.87 -11.74 5.20
C GLY A 31 11.24 -12.26 4.77
N PHE A 32 11.41 -12.47 3.47
CA PHE A 32 12.67 -12.98 2.92
C PHE A 32 13.67 -11.85 2.63
N GLY A 33 13.25 -10.59 2.80
CA GLY A 33 14.03 -9.46 2.31
C GLY A 33 14.56 -8.43 3.28
N VAL A 34 15.65 -7.75 2.87
CA VAL A 34 16.18 -6.57 3.54
C VAL A 34 16.20 -5.43 2.52
N VAL A 35 15.84 -4.22 2.95
CA VAL A 35 15.76 -3.07 2.05
C VAL A 35 16.81 -2.01 2.41
N PHE A 36 17.58 -1.58 1.41
CA PHE A 36 18.62 -0.58 1.58
C PHE A 36 18.34 0.66 0.74
N GLU A 37 18.74 1.82 1.26
CA GLU A 37 18.89 3.00 0.40
C GLU A 37 20.32 3.00 -0.10
N ALA A 38 20.47 3.17 -1.41
CA ALA A 38 21.80 3.15 -2.03
C ALA A 38 21.83 4.06 -3.25
N LYS A 39 22.95 4.76 -3.42
CA LYS A 39 23.15 5.61 -4.58
C LYS A 39 23.81 4.83 -5.71
N ASN A 40 23.28 4.97 -6.91
CA ASN A 40 23.95 4.43 -8.09
C ASN A 40 25.10 5.37 -8.50
N LYS A 41 26.30 4.80 -8.66
CA LYS A 41 27.49 5.59 -8.98
C LYS A 41 27.43 6.26 -10.34
N VAL A 42 26.92 5.55 -11.35
CA VAL A 42 26.88 6.09 -12.71
C VAL A 42 25.80 7.16 -12.90
N ASP A 43 24.60 6.94 -12.35
CA ASP A 43 23.51 7.89 -12.59
C ASP A 43 23.29 8.90 -11.45
N ASP A 44 23.95 8.67 -10.32
CA ASP A 44 23.99 9.61 -9.19
C ASP A 44 22.65 9.74 -8.44
N CYS A 45 21.72 8.82 -8.69
CA CYS A 45 20.40 8.82 -8.04
C CYS A 45 20.36 7.82 -6.90
N ASN A 46 19.54 8.14 -5.89
CA ASN A 46 19.34 7.24 -4.76
C ASN A 46 18.11 6.35 -4.99
N TYR A 47 18.25 5.06 -4.68
CA TYR A 47 17.19 4.08 -4.91
C TYR A 47 16.91 3.26 -3.67
N ALA A 48 15.71 2.68 -3.63
CA ALA A 48 15.41 1.64 -2.66
C ALA A 48 15.68 0.28 -3.30
N ILE A 49 16.53 -0.51 -2.65
CA ILE A 49 16.95 -1.80 -3.17
C ILE A 49 16.56 -2.87 -2.16
N LYS A 50 15.74 -3.83 -2.61
CA LYS A 50 15.36 -4.96 -1.78
C LYS A 50 16.20 -6.19 -2.14
N ARG A 51 16.86 -6.74 -1.13
CA ARG A 51 17.63 -7.96 -1.30
C ARG A 51 16.84 -9.13 -0.74
N ILE A 52 16.38 -10.01 -1.62
CA ILE A 52 15.60 -11.19 -1.21
C ILE A 52 16.49 -12.42 -1.22
N ARG A 53 16.70 -13.01 -0.05
CA ARG A 53 17.32 -14.32 0.04
C ARG A 53 16.31 -15.34 -0.46
N LEU A 54 16.58 -15.93 -1.63
CA LEU A 54 15.68 -16.93 -2.20
C LEU A 54 15.49 -18.08 -1.22
N PRO A 55 14.22 -18.35 -0.82
CA PRO A 55 13.94 -19.40 0.16
C PRO A 55 14.25 -20.80 -0.34
N ASN A 56 14.39 -21.74 0.59
CA ASN A 56 14.61 -23.15 0.30
C ASN A 56 13.41 -23.80 -0.42
N ARG A 57 12.27 -23.13 -0.38
CA ARG A 57 11.01 -23.66 -0.93
C ARG A 57 10.84 -23.31 -2.40
N GLU A 58 10.82 -24.33 -3.27
CA GLU A 58 10.74 -24.12 -4.72
C GLU A 58 9.47 -23.39 -5.20
N LEU A 59 8.36 -23.61 -4.50
CA LEU A 59 7.10 -22.95 -4.86
C LEU A 59 7.10 -21.50 -4.42
N ALA A 60 7.77 -21.21 -3.30
CA ALA A 60 8.00 -19.84 -2.86
C ALA A 60 8.96 -19.12 -3.80
N ARG A 61 9.96 -19.84 -4.31
CA ARG A 61 10.87 -19.27 -5.32
C ARG A 61 10.12 -18.98 -6.61
N GLU A 62 9.20 -19.89 -6.97
CA GLU A 62 8.34 -19.70 -8.13
C GLU A 62 7.55 -18.39 -8.02
N LYS A 63 6.96 -18.17 -6.86
CA LYS A 63 6.16 -16.98 -6.61
C LYS A 63 7.01 -15.70 -6.71
N VAL A 64 8.18 -15.72 -6.06
CA VAL A 64 9.11 -14.59 -6.10
C VAL A 64 9.49 -14.23 -7.54
N MET A 65 9.97 -15.21 -8.30
CA MET A 65 10.43 -14.98 -9.67
CA MET A 65 10.42 -14.97 -9.66
C MET A 65 9.28 -14.50 -10.57
N ARG A 66 8.10 -15.10 -10.39
CA ARG A 66 6.93 -14.71 -11.14
C ARG A 66 6.48 -13.28 -10.82
N GLU A 67 6.58 -12.90 -9.56
CA GLU A 67 6.12 -11.59 -9.11
C GLU A 67 7.01 -10.43 -9.58
N VAL A 68 8.32 -10.66 -9.65
CA VAL A 68 9.23 -9.65 -10.20
C VAL A 68 8.94 -9.41 -11.68
N LYS A 69 8.66 -10.49 -12.43
CA LYS A 69 8.27 -10.37 -13.83
C LYS A 69 6.96 -9.58 -14.02
N ALA A 70 6.00 -9.83 -13.14
CA ALA A 70 4.72 -9.11 -13.19
C ALA A 70 4.90 -7.62 -12.86
N LEU A 71 5.65 -7.35 -11.78
CA LEU A 71 5.98 -5.98 -11.38
C LEU A 71 6.62 -5.18 -12.52
N ALA A 72 7.61 -5.78 -13.18
CA ALA A 72 8.36 -5.11 -14.25
C ALA A 72 7.50 -4.63 -15.43
N LYS A 73 6.31 -5.20 -15.59
CA LYS A 73 5.39 -4.81 -16.68
C LYS A 73 4.48 -3.64 -16.32
N LEU A 74 4.49 -3.25 -15.04
CA LEU A 74 3.53 -2.28 -14.54
C LEU A 74 4.02 -0.86 -14.62
N GLU A 75 3.17 0.02 -15.14
CA GLU A 75 3.45 1.44 -15.16
C GLU A 75 2.19 2.22 -14.81
N HIS A 76 2.21 2.88 -13.65
CA HIS A 76 1.08 3.67 -13.17
C HIS A 76 1.54 4.68 -12.11
N PRO A 77 0.98 5.90 -12.12
CA PRO A 77 1.43 6.93 -11.15
C PRO A 77 1.23 6.53 -9.68
N GLY A 78 0.32 5.59 -9.40
CA GLY A 78 0.09 5.11 -8.04
C GLY A 78 0.86 3.85 -7.67
N ILE A 79 1.70 3.37 -8.57
CA ILE A 79 2.51 2.18 -8.33
C ILE A 79 3.98 2.61 -8.31
N VAL A 80 4.71 2.16 -7.29
CA VAL A 80 6.14 2.46 -7.16
C VAL A 80 6.88 2.10 -8.43
N ARG A 81 7.73 3.02 -8.89
CA ARG A 81 8.44 2.88 -10.15
C ARG A 81 9.58 1.86 -10.06
N TYR A 82 9.56 0.91 -10.98
CA TYR A 82 10.53 -0.16 -11.02
C TYR A 82 11.71 0.21 -11.90
N PHE A 83 12.91 -0.18 -11.50
CA PHE A 83 14.09 0.10 -12.32
C PHE A 83 14.82 -1.15 -12.82
N ASN A 84 15.14 -2.08 -11.92
CA ASN A 84 15.97 -3.24 -12.24
CA ASN A 84 15.96 -3.24 -12.25
C ASN A 84 15.79 -4.38 -11.25
N ALA A 85 16.15 -5.58 -11.68
CA ALA A 85 16.18 -6.76 -10.82
C ALA A 85 17.28 -7.67 -11.31
N TRP A 86 18.04 -8.24 -10.38
CA TRP A 86 19.11 -9.18 -10.73
C TRP A 86 19.38 -10.20 -9.64
N LEU A 87 20.11 -11.25 -10.01
CA LEU A 87 20.49 -12.31 -9.08
C LEU A 87 21.98 -12.28 -8.78
N GLU A 88 22.32 -12.58 -7.53
CA GLU A 88 23.72 -12.71 -7.11
C GLU A 88 23.88 -13.98 -6.29
N ALA A 89 24.94 -14.74 -6.58
CA ALA A 89 25.27 -15.93 -5.81
C ALA A 89 26.71 -15.89 -5.34
N PRO A 90 26.95 -15.34 -4.13
CA PRO A 90 28.28 -15.27 -3.53
C PRO A 90 28.81 -16.66 -3.12
N PRO A 91 30.15 -16.83 -3.06
CA PRO A 91 30.73 -18.12 -2.66
C PRO A 91 30.56 -18.38 -1.16
N LYS A 104 22.77 -17.20 0.35
CA LYS A 104 23.19 -18.16 -0.67
C LYS A 104 22.89 -17.61 -2.07
N VAL A 105 21.61 -17.48 -2.40
CA VAL A 105 21.20 -16.80 -3.65
C VAL A 105 20.29 -15.61 -3.32
N TYR A 106 20.66 -14.44 -3.82
CA TYR A 106 19.92 -13.21 -3.57
C TYR A 106 19.27 -12.66 -4.84
N LEU A 107 17.99 -12.28 -4.73
CA LEU A 107 17.36 -11.45 -5.75
C LEU A 107 17.30 -10.01 -5.28
N TYR A 108 17.90 -9.12 -6.07
CA TYR A 108 17.87 -7.69 -5.80
C TYR A 108 16.80 -7.04 -6.67
N ILE A 109 15.99 -6.18 -6.07
CA ILE A 109 14.99 -5.41 -6.80
C ILE A 109 15.19 -3.92 -6.51
N GLN A 110 15.46 -3.16 -7.58
CA GLN A 110 15.75 -1.72 -7.49
C GLN A 110 14.55 -0.87 -7.89
N MET A 111 14.10 -0.05 -6.93
CA MET A 111 12.91 0.78 -7.09
C MET A 111 13.19 2.24 -6.77
N GLN A 112 12.28 3.09 -7.23
CA GLN A 112 12.17 4.48 -6.84
C GLN A 112 12.16 4.63 -5.32
N LEU A 113 12.95 5.57 -4.81
CA LEU A 113 13.01 5.84 -3.38
C LEU A 113 11.88 6.77 -2.97
N CYS A 114 11.06 6.31 -2.03
CA CYS A 114 9.99 7.12 -1.48
C CYS A 114 10.40 7.71 -0.14
N ARG A 115 9.59 8.62 0.37
CA ARG A 115 9.78 9.19 1.70
C ARG A 115 9.70 8.11 2.78
N LYS A 116 10.43 8.32 3.87
CA LYS A 116 10.52 7.38 4.97
C LYS A 116 9.19 7.21 5.69
N GLU A 117 8.43 8.28 5.76
CA GLU A 117 7.17 8.30 6.48
C GLU A 117 6.02 7.83 5.59
N ASN A 118 5.51 6.64 5.87
CA ASN A 118 4.42 6.07 5.08
C ASN A 118 3.05 6.61 5.51
N LEU A 119 1.98 6.02 4.97
CA LEU A 119 0.62 6.43 5.31
C LEU A 119 0.28 6.23 6.79
N LYS A 120 0.75 5.12 7.36
CA LYS A 120 0.58 4.85 8.79
C LYS A 120 1.24 5.96 9.64
N ASP A 121 2.49 6.30 9.30
CA ASP A 121 3.21 7.37 10.01
C ASP A 121 2.55 8.73 9.80
N TRP A 122 2.08 8.98 8.59
CA TRP A 122 1.42 10.25 8.25
C TRP A 122 0.15 10.45 9.06
N MET A 123 -0.63 9.38 9.23
CA MET A 123 -1.84 9.43 10.04
C MET A 123 -1.51 9.58 11.53
N ASN A 124 -0.48 8.87 11.99
CA ASN A 124 0.01 8.98 13.37
C ASN A 124 0.50 10.37 13.77
N GLY A 125 0.89 11.18 12.77
CA GLY A 125 1.36 12.54 13.02
C GLY A 125 0.27 13.58 12.83
N ARG A 126 -0.96 13.11 12.62
CA ARG A 126 -2.11 13.97 12.39
C ARG A 126 -3.29 13.43 13.20
N CYS A 127 -3.26 13.70 14.50
CA CYS A 127 -4.19 13.08 15.44
C CYS A 127 -5.36 13.97 15.85
N THR A 128 -5.63 15.02 15.08
CA THR A 128 -6.81 15.87 15.31
C THR A 128 -7.64 15.97 14.04
N ILE A 129 -8.94 16.23 14.21
CA ILE A 129 -9.86 16.31 13.07
C ILE A 129 -9.53 17.45 12.09
N GLU A 130 -8.91 18.52 12.60
CA GLU A 130 -8.42 19.63 11.76
C GLU A 130 -7.29 19.17 10.85
N GLU A 131 -6.55 18.18 11.30
CA GLU A 131 -5.43 17.65 10.53
C GLU A 131 -5.86 16.56 9.54
N ARG A 132 -7.16 16.27 9.50
CA ARG A 132 -7.72 15.33 8.53
C ARG A 132 -8.85 15.99 7.75
N GLU A 133 -8.55 17.09 7.07
CA GLU A 133 -9.57 17.78 6.28
C GLU A 133 -10.14 16.84 5.21
N ARG A 134 -11.46 16.87 5.06
CA ARG A 134 -12.19 15.97 4.18
C ARG A 134 -11.58 15.82 2.79
N SER A 135 -11.37 16.95 2.10
CA SER A 135 -10.85 16.95 0.74
C SER A 135 -9.43 16.40 0.64
N VAL A 136 -8.60 16.65 1.66
CA VAL A 136 -7.25 16.10 1.69
C VAL A 136 -7.28 14.58 1.78
N CYS A 137 -8.11 14.07 2.69
CA CYS A 137 -8.28 12.64 2.89
C CYS A 137 -8.84 11.93 1.65
N LEU A 138 -9.83 12.54 1.01
CA LEU A 138 -10.44 11.97 -0.19
C LEU A 138 -9.47 11.99 -1.37
N HIS A 139 -8.63 13.02 -1.42
CA HIS A 139 -7.57 13.14 -2.42
C HIS A 139 -6.53 12.03 -2.28
N ILE A 140 -6.17 11.71 -1.03
CA ILE A 140 -5.24 10.62 -0.76
C ILE A 140 -5.90 9.28 -1.07
N PHE A 141 -7.14 9.12 -0.61
CA PHE A 141 -7.88 7.88 -0.86
C PHE A 141 -8.11 7.59 -2.34
N LEU A 142 -8.48 8.62 -3.10
CA LEU A 142 -8.72 8.49 -4.54
C LEU A 142 -7.50 7.90 -5.24
N GLN A 143 -6.31 8.39 -4.89
CA GLN A 143 -5.06 7.88 -5.44
C GLN A 143 -4.85 6.40 -5.14
N ILE A 144 -5.19 5.98 -3.92
CA ILE A 144 -5.09 4.58 -3.51
C ILE A 144 -6.06 3.73 -4.34
N ALA A 145 -7.31 4.18 -4.43
CA ALA A 145 -8.37 3.48 -5.18
C ALA A 145 -8.05 3.34 -6.68
N GLU A 146 -7.48 4.39 -7.25
CA GLU A 146 -7.04 4.39 -8.65
C GLU A 146 -5.91 3.40 -8.91
N ALA A 147 -4.95 3.32 -7.98
CA ALA A 147 -3.89 2.32 -8.03
C ALA A 147 -4.46 0.90 -7.93
N VAL A 148 -5.45 0.73 -7.04
CA VAL A 148 -6.14 -0.55 -6.91
C VAL A 148 -6.90 -0.90 -8.20
N GLU A 149 -7.56 0.10 -8.78
CA GLU A 149 -8.27 -0.07 -10.05
C GLU A 149 -7.33 -0.47 -11.18
N PHE A 150 -6.15 0.13 -11.22
CA PHE A 150 -5.16 -0.22 -12.22
C PHE A 150 -4.76 -1.68 -12.11
N LEU A 151 -4.45 -2.12 -10.89
CA LEU A 151 -4.03 -3.48 -10.62
C LEU A 151 -5.09 -4.49 -11.05
N HIS A 152 -6.35 -4.21 -10.67
CA HIS A 152 -7.48 -5.06 -11.03
C HIS A 152 -7.69 -5.14 -12.54
N SER A 153 -7.49 -4.02 -13.23
CA SER A 153 -7.62 -3.97 -14.69
C SER A 153 -6.58 -4.83 -15.39
N LYS A 154 -5.45 -5.07 -14.71
CA LYS A 154 -4.39 -5.92 -15.25
C LYS A 154 -4.52 -7.39 -14.82
N GLY A 155 -5.63 -7.71 -14.16
CA GLY A 155 -5.86 -9.06 -13.63
C GLY A 155 -5.04 -9.36 -12.38
N LEU A 156 -4.61 -8.31 -11.69
CA LEU A 156 -3.82 -8.45 -10.47
C LEU A 156 -4.61 -7.99 -9.26
N MET A 157 -4.30 -8.57 -8.11
CA MET A 157 -4.84 -8.07 -6.85
C MET A 157 -3.72 -7.92 -5.84
N HIS A 158 -3.82 -6.89 -5.01
CA HIS A 158 -2.80 -6.60 -4.01
C HIS A 158 -2.77 -7.65 -2.91
N ARG A 159 -3.94 -7.90 -2.31
CA ARG A 159 -4.13 -8.92 -1.26
C ARG A 159 -3.66 -8.52 0.15
N ASN A 160 -2.75 -7.55 0.22
N ASN A 160 -2.74 -7.56 0.23
CA ASN A 160 -2.19 -7.10 1.49
CA ASN A 160 -2.21 -7.10 1.52
C ASN A 160 -2.21 -5.58 1.64
C ASN A 160 -2.22 -5.58 1.64
N LEU A 161 -3.31 -4.96 1.20
CA LEU A 161 -3.44 -3.51 1.22
C LEU A 161 -3.67 -3.01 2.64
N LYS A 162 -2.82 -2.08 3.05
CA LYS A 162 -2.85 -1.49 4.39
C LYS A 162 -1.96 -0.23 4.41
N PRO A 163 -2.16 0.66 5.40
CA PRO A 163 -1.41 1.93 5.43
C PRO A 163 0.12 1.79 5.44
N SER A 164 0.64 0.69 6.01
CA SER A 164 2.09 0.47 6.02
C SER A 164 2.64 -0.02 4.68
N ASN A 165 1.74 -0.28 3.73
CA ASN A 165 2.10 -0.62 2.35
C ASN A 165 1.78 0.51 1.36
N ILE A 166 1.54 1.70 1.91
CA ILE A 166 1.23 2.88 1.12
C ILE A 166 2.20 3.99 1.50
N PHE A 167 3.03 4.39 0.54
CA PHE A 167 4.07 5.41 0.76
C PHE A 167 3.82 6.65 -0.10
N PHE A 168 4.66 7.66 0.09
CA PHE A 168 4.60 8.92 -0.65
C PHE A 168 5.93 9.15 -1.35
N THR A 169 5.88 9.68 -2.58
CA THR A 169 7.09 10.14 -3.25
C THR A 169 7.57 11.42 -2.58
N MET A 170 8.75 11.90 -2.97
CA MET A 170 9.27 13.18 -2.52
C MET A 170 8.28 14.32 -2.78
N ASP A 171 7.46 14.17 -3.83
CA ASP A 171 6.43 15.15 -4.19
C ASP A 171 5.05 14.82 -3.62
N ASP A 172 5.00 13.93 -2.63
CA ASP A 172 3.73 13.52 -1.99
C ASP A 172 2.74 12.74 -2.89
N VAL A 173 3.22 12.17 -4.00
CA VAL A 173 2.36 11.31 -4.81
C VAL A 173 2.24 9.97 -4.09
N VAL A 174 1.01 9.49 -3.85
CA VAL A 174 0.85 8.25 -3.09
C VAL A 174 1.25 7.04 -3.94
N LYS A 175 2.00 6.12 -3.33
CA LYS A 175 2.48 4.94 -4.01
C LYS A 175 2.05 3.70 -3.25
N VAL A 176 1.34 2.82 -3.96
CA VAL A 176 0.90 1.55 -3.45
C VAL A 176 1.91 0.50 -3.90
N GLY A 177 2.20 -0.47 -3.04
CA GLY A 177 3.14 -1.53 -3.38
C GLY A 177 3.27 -2.57 -2.29
N ASP A 178 4.29 -3.41 -2.41
CA ASP A 178 4.61 -4.44 -1.44
C ASP A 178 5.96 -4.10 -0.81
N PHE A 179 5.93 -3.24 0.21
CA PHE A 179 7.17 -2.65 0.73
C PHE A 179 8.00 -3.58 1.60
N GLY A 180 7.33 -4.35 2.45
CA GLY A 180 8.01 -5.32 3.31
C GLY A 180 8.93 -4.69 4.34
N LEU A 181 8.50 -3.55 4.90
CA LEU A 181 9.20 -2.91 6.01
C LEU A 181 8.40 -3.14 7.29
N VAL A 182 8.62 -4.30 7.91
CA VAL A 182 7.83 -4.73 9.07
C VAL A 182 8.35 -4.10 10.36
N LYS A 211 -4.76 -9.88 10.71
CA LYS A 211 -4.54 -8.44 10.65
C LYS A 211 -5.83 -7.67 10.40
N LEU A 212 -5.85 -6.41 10.84
CA LEU A 212 -7.07 -5.59 10.86
C LEU A 212 -7.66 -5.23 9.49
N TYR A 213 -6.87 -5.29 8.43
CA TYR A 213 -7.31 -4.80 7.11
C TYR A 213 -7.73 -5.89 6.11
N MET A 214 -7.49 -7.16 6.44
CA MET A 214 -7.82 -8.21 5.47
C MET A 214 -9.25 -8.73 5.58
N SER A 215 -9.82 -9.03 4.43
CA SER A 215 -11.20 -9.50 4.29
C SER A 215 -11.50 -10.73 5.16
N PRO A 216 -12.78 -10.91 5.55
CA PRO A 216 -13.19 -12.12 6.28
C PRO A 216 -12.83 -13.42 5.56
N GLU A 217 -13.00 -13.44 4.24
CA GLU A 217 -12.71 -14.64 3.43
C GLU A 217 -11.23 -15.02 3.44
N GLN A 218 -10.35 -14.03 3.57
CA GLN A 218 -8.91 -14.28 3.71
C GLN A 218 -8.54 -14.81 5.09
N ILE A 219 -9.16 -14.24 6.12
CA ILE A 219 -8.90 -14.62 7.51
C ILE A 219 -9.28 -16.09 7.74
N HIS A 220 -10.42 -16.50 7.19
CA HIS A 220 -10.90 -17.87 7.29
C HIS A 220 -10.14 -18.84 6.36
N GLY A 221 -9.26 -18.30 5.52
CA GLY A 221 -8.45 -19.10 4.61
C GLY A 221 -9.20 -19.70 3.44
N ASN A 222 -10.32 -19.06 3.07
CA ASN A 222 -11.11 -19.47 1.91
C ASN A 222 -10.54 -18.91 0.62
N SER A 223 -11.06 -19.38 -0.52
CA SER A 223 -10.75 -18.79 -1.82
C SER A 223 -11.33 -17.38 -1.90
N TYR A 224 -10.78 -16.56 -2.80
CA TYR A 224 -11.15 -15.15 -2.84
C TYR A 224 -10.89 -14.52 -4.22
N SER A 225 -11.38 -13.29 -4.38
CA SER A 225 -11.25 -12.55 -5.64
C SER A 225 -10.66 -11.17 -5.38
N HIS A 226 -10.53 -10.38 -6.46
CA HIS A 226 -10.06 -8.99 -6.38
C HIS A 226 -10.85 -8.18 -5.35
N LYS A 227 -12.05 -8.64 -5.01
CA LYS A 227 -12.93 -7.97 -4.05
C LYS A 227 -12.35 -7.85 -2.64
N VAL A 228 -11.34 -8.67 -2.33
CA VAL A 228 -10.62 -8.56 -1.05
C VAL A 228 -9.98 -7.18 -0.86
N ASP A 229 -9.51 -6.59 -1.96
CA ASP A 229 -8.86 -5.28 -1.92
C ASP A 229 -9.86 -4.17 -1.62
N ILE A 230 -11.11 -4.38 -2.03
CA ILE A 230 -12.20 -3.42 -1.79
C ILE A 230 -12.52 -3.35 -0.29
N PHE A 231 -12.41 -4.49 0.40
CA PHE A 231 -12.61 -4.53 1.84
C PHE A 231 -11.55 -3.68 2.54
N SER A 232 -10.29 -3.87 2.16
CA SER A 232 -9.18 -3.09 2.72
C SER A 232 -9.40 -1.59 2.51
N LEU A 233 -9.85 -1.22 1.31
CA LEU A 233 -10.13 0.18 0.97
C LEU A 233 -11.13 0.84 1.92
N GLY A 234 -12.18 0.09 2.28
CA GLY A 234 -13.20 0.58 3.19
C GLY A 234 -12.64 1.01 4.53
N LEU A 235 -11.81 0.14 5.13
CA LEU A 235 -11.18 0.44 6.41
C LEU A 235 -10.21 1.62 6.33
N ILE A 236 -9.51 1.73 5.20
CA ILE A 236 -8.55 2.80 4.97
C ILE A 236 -9.25 4.15 4.83
N LEU A 237 -10.33 4.19 4.06
CA LEU A 237 -11.12 5.40 3.90
C LEU A 237 -11.58 5.92 5.26
N PHE A 238 -12.16 5.03 6.06
CA PHE A 238 -12.60 5.37 7.41
C PHE A 238 -11.44 5.90 8.25
N GLU A 239 -10.32 5.18 8.24
CA GLU A 239 -9.17 5.51 9.05
C GLU A 239 -8.60 6.87 8.67
N LEU A 240 -8.61 7.18 7.36
CA LEU A 240 -8.15 8.49 6.88
C LEU A 240 -8.96 9.63 7.47
N LEU A 241 -10.28 9.44 7.52
CA LEU A 241 -11.20 10.46 7.98
C LEU A 241 -11.32 10.55 9.51
N TYR A 242 -10.93 9.50 10.20
CA TYR A 242 -11.14 9.43 11.65
C TYR A 242 -9.83 9.28 12.42
N PRO A 243 -9.35 10.40 13.04
CA PRO A 243 -8.07 10.41 13.76
C PRO A 243 -8.13 9.70 15.12
N PHE A 244 -7.04 9.05 15.50
CA PHE A 244 -6.94 8.35 16.78
C PHE A 244 -5.91 8.97 17.70
N SER A 245 -6.18 8.93 19.00
CA SER A 245 -5.27 9.46 20.02
C SER A 245 -4.36 8.39 20.64
N THR A 246 -4.86 7.16 20.71
CA THR A 246 -4.08 6.04 21.24
C THR A 246 -4.19 4.83 20.32
N GLN A 247 -3.20 3.95 20.39
CA GLN A 247 -3.19 2.69 19.65
C GLN A 247 -4.37 1.79 20.08
N MET A 248 -4.67 1.81 21.38
CA MET A 248 -5.77 1.02 21.94
C MET A 248 -7.13 1.45 21.37
N GLU A 249 -7.32 2.75 21.22
CA GLU A 249 -8.53 3.31 20.62
C GLU A 249 -8.64 2.90 19.15
N ARG A 250 -7.52 2.96 18.43
CA ARG A 250 -7.47 2.58 17.01
C ARG A 250 -7.93 1.13 16.77
N VAL A 251 -7.35 0.19 17.52
CA VAL A 251 -7.67 -1.23 17.37
C VAL A 251 -9.14 -1.50 17.67
N ARG A 252 -9.61 -0.96 18.80
CA ARG A 252 -11.00 -1.11 19.23
C ARG A 252 -11.99 -0.59 18.17
N THR A 253 -11.73 0.62 17.66
CA THR A 253 -12.63 1.26 16.70
C THR A 253 -12.64 0.56 15.34
N LEU A 254 -11.47 0.20 14.83
CA LEU A 254 -11.37 -0.48 13.53
C LEU A 254 -11.99 -1.88 13.58
N THR A 255 -11.87 -2.54 14.72
CA THR A 255 -12.51 -3.84 14.94
C THR A 255 -14.04 -3.70 14.90
N ASP A 256 -14.54 -2.63 15.51
CA ASP A 256 -15.97 -2.32 15.46
C ASP A 256 -16.43 -2.00 14.04
N VAL A 257 -15.65 -1.17 13.34
CA VAL A 257 -15.95 -0.78 11.95
C VAL A 257 -15.96 -1.99 11.02
N ARG A 258 -15.04 -2.93 11.24
CA ARG A 258 -15.04 -4.23 10.56
C ARG A 258 -16.40 -4.93 10.65
N ASN A 259 -17.06 -4.79 11.80
CA ASN A 259 -18.38 -5.40 12.04
C ASN A 259 -19.53 -4.42 11.79
N LEU A 260 -19.20 -3.30 11.13
CA LEU A 260 -20.18 -2.28 10.72
C LEU A 260 -20.79 -1.49 11.89
N LYS A 261 -20.08 -1.46 13.02
CA LYS A 261 -20.43 -0.58 14.13
C LYS A 261 -19.57 0.68 14.06
N PHE A 262 -20.20 1.79 13.69
CA PHE A 262 -19.52 3.04 13.44
C PHE A 262 -19.68 4.02 14.60
N PRO A 263 -18.63 4.83 14.88
CA PRO A 263 -18.77 5.94 15.82
C PRO A 263 -19.83 6.93 15.34
N PRO A 264 -20.79 7.27 16.21
CA PRO A 264 -21.92 8.13 15.87
C PRO A 264 -21.54 9.48 15.22
N LEU A 265 -20.43 10.07 15.66
CA LEU A 265 -20.01 11.38 15.12
C LEU A 265 -19.47 11.29 13.68
N PHE A 266 -19.00 10.11 13.29
CA PHE A 266 -18.53 9.86 11.92
C PHE A 266 -19.70 9.79 10.94
N THR A 267 -20.73 9.04 11.32
CA THR A 267 -21.93 8.85 10.49
C THR A 267 -22.66 10.16 10.21
N GLN A 268 -22.62 11.07 11.18
CA GLN A 268 -23.28 12.37 11.08
CA GLN A 268 -23.29 12.36 11.05
C GLN A 268 -22.45 13.36 10.26
N LYS A 269 -21.15 13.39 10.52
CA LYS A 269 -20.23 14.30 9.83
C LYS A 269 -19.98 13.90 8.36
N TYR A 270 -19.89 12.61 8.10
CA TYR A 270 -19.61 12.11 6.76
C TYR A 270 -20.65 11.09 6.28
N PRO A 271 -21.88 11.56 6.00
CA PRO A 271 -22.95 10.63 5.57
C PRO A 271 -22.67 9.91 4.24
N CYS A 272 -22.09 10.62 3.28
CA CYS A 272 -21.79 10.04 1.96
C CYS A 272 -20.68 8.99 2.07
N GLU A 273 -19.62 9.32 2.80
CA GLU A 273 -18.50 8.42 3.01
C GLU A 273 -18.88 7.22 3.87
N TYR A 274 -19.76 7.45 4.86
CA TYR A 274 -20.31 6.38 5.69
C TYR A 274 -21.01 5.31 4.84
N VAL A 275 -21.81 5.76 3.87
CA VAL A 275 -22.50 4.87 2.95
C VAL A 275 -21.50 4.02 2.14
N MET A 276 -20.49 4.67 1.55
CA MET A 276 -19.56 3.93 0.69
C MET A 276 -18.63 2.98 1.45
N VAL A 277 -18.31 3.30 2.70
CA VAL A 277 -17.55 2.40 3.56
C VAL A 277 -18.37 1.14 3.89
N GLN A 278 -19.64 1.32 4.26
CA GLN A 278 -20.55 0.20 4.51
C GLN A 278 -20.53 -0.77 3.33
N ASP A 279 -20.68 -0.24 2.12
CA ASP A 279 -20.74 -1.06 0.90
C ASP A 279 -19.43 -1.80 0.64
N MET A 280 -18.29 -1.14 0.90
CA MET A 280 -16.98 -1.75 0.71
C MET A 280 -16.69 -2.82 1.74
N LEU A 281 -17.31 -2.71 2.91
CA LEU A 281 -17.11 -3.66 4.00
C LEU A 281 -18.20 -4.74 4.08
N SER A 282 -18.99 -4.90 3.00
CA SER A 282 -19.97 -5.96 2.93
C SER A 282 -19.30 -7.31 3.18
N PRO A 283 -19.88 -8.13 4.07
CA PRO A 283 -19.37 -9.49 4.32
C PRO A 283 -19.34 -10.34 3.04
N SER A 284 -20.32 -10.14 2.17
CA SER A 284 -20.39 -10.84 0.89
C SER A 284 -19.58 -10.08 -0.16
N PRO A 285 -18.51 -10.70 -0.70
CA PRO A 285 -17.61 -10.07 -1.67
C PRO A 285 -18.33 -9.50 -2.90
N MET A 286 -19.35 -10.21 -3.38
CA MET A 286 -20.11 -9.80 -4.57
C MET A 286 -20.90 -8.50 -4.37
N GLU A 287 -21.26 -8.20 -3.13
CA GLU A 287 -21.99 -6.97 -2.80
C GLU A 287 -21.09 -5.73 -2.74
N ARG A 288 -19.77 -5.96 -2.63
CA ARG A 288 -18.80 -4.87 -2.62
C ARG A 288 -18.68 -4.25 -4.01
N PRO A 289 -18.64 -2.90 -4.09
CA PRO A 289 -18.48 -2.24 -5.39
C PRO A 289 -17.11 -2.51 -6.02
N GLU A 290 -17.03 -2.38 -7.34
CA GLU A 290 -15.77 -2.44 -8.06
C GLU A 290 -14.99 -1.13 -7.85
N ALA A 291 -13.67 -1.20 -7.96
CA ALA A 291 -12.82 -0.02 -7.80
C ALA A 291 -13.24 1.14 -8.71
N ILE A 292 -13.60 0.82 -9.96
CA ILE A 292 -14.08 1.82 -10.92
C ILE A 292 -15.36 2.53 -10.45
N ASN A 293 -16.23 1.80 -9.75
CA ASN A 293 -17.46 2.38 -9.19
C ASN A 293 -17.15 3.33 -8.04
N ILE A 294 -16.15 2.96 -7.24
CA ILE A 294 -15.68 3.82 -6.15
C ILE A 294 -15.12 5.14 -6.71
N ILE A 295 -14.20 5.06 -7.67
CA ILE A 295 -13.52 6.27 -8.18
C ILE A 295 -14.44 7.23 -8.95
N GLU A 296 -15.57 6.71 -9.45
CA GLU A 296 -16.54 7.51 -10.18
C GLU A 296 -17.59 8.19 -9.29
N ASN A 297 -17.55 7.89 -7.99
CA ASN A 297 -18.47 8.50 -7.02
C ASN A 297 -18.34 10.03 -6.98
N ALA A 298 -19.48 10.71 -6.82
CA ALA A 298 -19.54 12.19 -6.86
C ALA A 298 -18.68 12.85 -5.79
N VAL A 299 -18.50 12.15 -4.67
CA VAL A 299 -17.66 12.56 -3.56
C VAL A 299 -16.25 13.00 -4.00
N PHE A 300 -15.76 12.42 -5.09
CA PHE A 300 -14.40 12.69 -5.58
C PHE A 300 -14.31 13.76 -6.67
N GLU A 301 -15.45 14.35 -7.04
CA GLU A 301 -15.48 15.37 -8.08
C GLU A 301 -14.95 16.72 -7.58
N ASP A 302 -14.02 17.29 -8.34
CA ASP A 302 -13.46 18.62 -8.08
C ASP A 302 -12.92 18.82 -6.65
N LEU A 303 -12.02 17.92 -6.24
CA LEU A 303 -11.38 18.03 -4.93
C LEU A 303 -10.39 19.18 -4.92
N ASP A 304 -10.38 19.95 -3.84
CA ASP A 304 -9.46 21.07 -3.68
C ASP A 304 -9.22 21.38 -2.21
N PHE A 305 -7.99 21.78 -1.90
CA PHE A 305 -7.60 22.22 -0.56
C PHE A 305 -6.45 23.20 -0.69
N PRO A 306 -6.28 24.11 0.29
CA PRO A 306 -5.19 25.09 0.20
C PRO A 306 -3.81 24.41 0.18
N GLY A 307 -3.04 24.69 -0.87
CA GLY A 307 -1.71 24.10 -1.05
C GLY A 307 -1.64 22.96 -2.05
N LYS A 308 -2.80 22.59 -2.62
CA LYS A 308 -2.90 21.49 -3.58
C LYS A 308 -2.21 21.79 -4.90
N THR A 309 -1.69 20.73 -5.54
CA THR A 309 -1.17 20.70 -6.92
C THR A 309 0.35 20.58 -6.96
#